data_3LCK
#
_entry.id   3LCK
#
_cell.length_a   42.040
_cell.length_b   73.620
_cell.length_c   91.170
_cell.angle_alpha   90.00
_cell.angle_beta   90.00
_cell.angle_gamma   90.00
#
_symmetry.space_group_name_H-M   'P 21 21 21'
#
loop_
_entity.id
_entity.type
_entity.pdbx_description
1 polymer 'PROTO-ONCOGENE TYROSINE-PROTEIN KINASE'
2 non-polymer 'SULFATE ION'
3 water water
#
_entity_poly.entity_id   1
_entity_poly.type   'polypeptide(L)'
_entity_poly.pdbx_seq_one_letter_code
;KPWWEDEWEVPRETLKLVERLGAGQFGEVWMGYYNGHTKVAVKSLKQGSMSPDAFLAEANLMKQLQHQRLVRLYAVVTQE
PIYIITEYMENGSLVDFLKTPSGIKLTINKLLDMAAQIAEGMAFIEERNYIHRDLRAANILVSDTLSCKIADFGLARLIE
DNE(PTR)TAREGAKFPIKWTAPEAINYGTFTIKSDVWSFGILLTEIVTHGRIPYPGMTNPEVIQNLERGYRMVRPDNCP
EELYQLMRLCWKERPEDRPTFDYLRSVLEDFFTAT
;
_entity_poly.pdbx_strand_id   A
#
loop_
_chem_comp.id
_chem_comp.type
_chem_comp.name
_chem_comp.formula
SO4 non-polymer 'SULFATE ION' 'O4 S -2'
#
# COMPACT_ATOMS: atom_id res chain seq x y z
N LYS A 1 -19.41 -13.40 10.90
CA LYS A 1 -19.99 -14.74 10.91
C LYS A 1 -19.00 -15.74 11.50
N PRO A 2 -19.48 -16.80 12.15
CA PRO A 2 -18.64 -17.91 12.59
C PRO A 2 -17.95 -18.52 11.38
N TRP A 3 -16.79 -19.14 11.55
CA TRP A 3 -16.10 -19.67 10.39
C TRP A 3 -16.94 -20.67 9.60
N TRP A 4 -17.85 -21.41 10.23
CA TRP A 4 -18.66 -22.37 9.49
C TRP A 4 -19.74 -21.72 8.64
N GLU A 5 -19.92 -20.40 8.77
CA GLU A 5 -20.86 -19.71 7.92
C GLU A 5 -20.12 -18.68 7.07
N ASP A 6 -18.91 -18.34 7.46
CA ASP A 6 -18.15 -17.34 6.75
C ASP A 6 -17.85 -17.74 5.31
N GLU A 7 -18.21 -16.88 4.35
CA GLU A 7 -18.01 -17.21 2.94
C GLU A 7 -16.55 -17.29 2.49
N TRP A 8 -15.62 -16.78 3.28
CA TRP A 8 -14.21 -16.84 2.91
C TRP A 8 -13.48 -18.05 3.46
N GLU A 9 -14.04 -18.74 4.45
CA GLU A 9 -13.35 -19.87 5.04
C GLU A 9 -13.24 -21.05 4.08
N VAL A 10 -12.06 -21.66 3.96
CA VAL A 10 -11.93 -22.84 3.13
C VAL A 10 -11.14 -23.92 3.88
N PRO A 11 -11.39 -25.20 3.60
CA PRO A 11 -10.62 -26.32 4.13
C PRO A 11 -9.16 -26.13 3.76
N ARG A 12 -8.22 -26.42 4.66
CA ARG A 12 -6.83 -26.21 4.31
C ARG A 12 -6.44 -27.16 3.19
N GLU A 13 -7.16 -28.27 3.00
CA GLU A 13 -6.83 -29.22 1.95
C GLU A 13 -7.03 -28.67 0.54
N THR A 14 -7.74 -27.55 0.40
CA THR A 14 -7.98 -26.97 -0.90
C THR A 14 -6.74 -26.22 -1.37
N LEU A 15 -5.73 -26.11 -0.51
CA LEU A 15 -4.56 -25.32 -0.85
C LEU A 15 -3.27 -26.11 -0.96
N LYS A 16 -2.45 -25.73 -1.93
CA LYS A 16 -1.15 -26.34 -2.08
C LYS A 16 -0.14 -25.20 -2.13
N LEU A 17 0.74 -25.09 -1.14
N LEU A 17 0.75 -25.12 -1.15
CA LEU A 17 1.74 -24.03 -1.19
CA LEU A 17 1.75 -24.08 -1.15
C LEU A 17 2.91 -24.52 -2.02
C LEU A 17 2.91 -24.54 -2.03
N VAL A 18 3.25 -23.79 -3.08
CA VAL A 18 4.30 -24.25 -3.97
C VAL A 18 5.65 -23.55 -3.88
N GLU A 19 5.67 -22.22 -3.77
CA GLU A 19 6.93 -21.51 -3.73
C GLU A 19 6.92 -20.48 -2.62
N ARG A 20 7.85 -20.53 -1.68
CA ARG A 20 7.82 -19.51 -0.65
C ARG A 20 8.43 -18.23 -1.22
N LEU A 21 7.69 -17.13 -1.11
CA LEU A 21 8.17 -15.87 -1.65
C LEU A 21 8.86 -15.04 -0.59
N GLY A 22 8.52 -15.33 0.66
CA GLY A 22 9.13 -14.56 1.73
C GLY A 22 8.90 -15.19 3.09
N ALA A 23 9.77 -14.80 4.01
CA ALA A 23 9.67 -15.31 5.36
C ALA A 23 10.13 -14.21 6.30
N GLY A 24 9.42 -14.05 7.40
CA GLY A 24 9.77 -13.01 8.35
C GLY A 24 9.39 -13.41 9.77
N GLN A 25 9.52 -12.41 10.63
CA GLN A 25 9.25 -12.60 12.04
C GLN A 25 7.86 -13.11 12.35
N PHE A 26 6.86 -12.77 11.52
CA PHE A 26 5.49 -13.12 11.84
C PHE A 26 4.90 -14.21 10.94
N GLY A 27 5.72 -14.85 10.11
CA GLY A 27 5.20 -15.88 9.24
C GLY A 27 5.85 -15.85 7.86
N GLU A 28 5.18 -16.45 6.89
CA GLU A 28 5.69 -16.54 5.55
C GLU A 28 4.61 -16.22 4.51
N VAL A 29 5.09 -15.92 3.30
N VAL A 29 5.09 -15.94 3.30
CA VAL A 29 4.23 -15.66 2.16
CA VAL A 29 4.24 -15.65 2.16
C VAL A 29 4.62 -16.64 1.06
C VAL A 29 4.63 -16.62 1.05
N TRP A 30 3.62 -17.34 0.55
CA TRP A 30 3.85 -18.34 -0.48
C TRP A 30 2.98 -18.13 -1.72
N MET A 31 3.48 -18.65 -2.84
CA MET A 31 2.69 -18.72 -4.05
C MET A 31 2.14 -20.14 -4.03
N GLY A 32 0.83 -20.27 -4.18
CA GLY A 32 0.23 -21.58 -4.16
C GLY A 32 -0.96 -21.68 -5.10
N TYR A 33 -1.66 -22.81 -5.00
CA TYR A 33 -2.81 -23.06 -5.83
C TYR A 33 -3.99 -23.51 -5.00
N TYR A 34 -5.15 -22.94 -5.33
CA TYR A 34 -6.40 -23.33 -4.69
C TYR A 34 -7.12 -24.28 -5.64
N ASN A 35 -7.49 -25.44 -5.11
CA ASN A 35 -8.13 -26.49 -5.90
C ASN A 35 -7.43 -26.77 -7.21
N GLY A 36 -6.10 -26.88 -7.06
CA GLY A 36 -5.21 -27.24 -8.14
C GLY A 36 -4.98 -26.24 -9.26
N HIS A 37 -5.99 -25.47 -9.67
N HIS A 37 -5.99 -25.46 -9.66
CA HIS A 37 -5.81 -24.60 -10.83
CA HIS A 37 -5.82 -24.60 -10.81
C HIS A 37 -5.70 -23.10 -10.59
C HIS A 37 -5.72 -23.10 -10.60
N THR A 38 -6.16 -22.57 -9.46
CA THR A 38 -6.13 -21.12 -9.29
C THR A 38 -4.95 -20.64 -8.48
N LYS A 39 -4.08 -19.84 -9.10
CA LYS A 39 -2.90 -19.34 -8.42
C LYS A 39 -3.31 -18.26 -7.42
N VAL A 40 -2.75 -18.39 -6.21
CA VAL A 40 -3.07 -17.46 -5.13
C VAL A 40 -1.84 -17.20 -4.27
N ALA A 41 -1.88 -16.12 -3.50
CA ALA A 41 -0.83 -15.85 -2.54
C ALA A 41 -1.31 -16.33 -1.18
N VAL A 42 -0.46 -16.99 -0.39
CA VAL A 42 -0.88 -17.45 0.93
C VAL A 42 0.02 -16.87 2.00
N LYS A 43 -0.54 -16.10 2.94
CA LYS A 43 0.27 -15.59 4.03
C LYS A 43 -0.03 -16.41 5.27
N SER A 44 0.99 -16.97 5.89
N SER A 44 0.99 -16.98 5.89
CA SER A 44 0.77 -17.80 7.07
CA SER A 44 0.76 -17.81 7.07
C SER A 44 1.28 -17.13 8.33
C SER A 44 1.28 -17.15 8.33
N LEU A 45 0.54 -17.31 9.43
CA LEU A 45 0.97 -16.72 10.68
C LEU A 45 1.88 -17.65 11.47
N LYS A 46 3.04 -17.15 11.85
CA LYS A 46 3.94 -17.93 12.67
C LYS A 46 3.34 -18.00 14.08
N GLN A 47 2.91 -19.18 14.53
N GLN A 47 2.92 -19.18 14.54
CA GLN A 47 2.30 -19.24 15.86
CA GLN A 47 2.33 -19.30 15.86
C GLN A 47 3.16 -18.64 16.94
C GLN A 47 3.17 -18.63 16.94
N GLY A 48 2.55 -17.79 17.76
CA GLY A 48 3.29 -17.15 18.85
C GLY A 48 3.98 -15.85 18.48
N SER A 49 4.16 -15.52 17.20
CA SER A 49 4.87 -14.30 16.85
C SER A 49 4.04 -13.04 17.04
N MET A 50 2.71 -13.19 17.01
CA MET A 50 1.83 -12.06 17.20
C MET A 50 0.43 -12.59 17.43
N SER A 51 -0.49 -11.72 17.87
CA SER A 51 -1.84 -12.18 18.11
C SER A 51 -2.55 -12.70 16.87
N PRO A 52 -3.16 -13.87 16.95
N PRO A 52 -3.16 -13.88 16.96
CA PRO A 52 -3.99 -14.41 15.89
CA PRO A 52 -4.01 -14.41 15.91
C PRO A 52 -5.18 -13.48 15.61
C PRO A 52 -5.16 -13.46 15.61
N ASP A 53 -5.66 -12.78 16.63
CA ASP A 53 -6.74 -11.82 16.42
C ASP A 53 -6.23 -10.66 15.60
N ALA A 54 -5.03 -10.18 15.93
CA ALA A 54 -4.45 -9.08 15.18
C ALA A 54 -4.19 -9.47 13.73
N PHE A 55 -3.71 -10.71 13.55
CA PHE A 55 -3.45 -11.20 12.21
C PHE A 55 -4.73 -11.25 11.39
N LEU A 56 -5.79 -11.85 11.91
CA LEU A 56 -7.01 -11.97 11.14
C LEU A 56 -7.79 -10.68 10.98
N ALA A 57 -7.56 -9.69 11.84
CA ALA A 57 -8.25 -8.42 11.67
C ALA A 57 -8.00 -7.85 10.28
N GLU A 58 -6.82 -8.07 9.70
CA GLU A 58 -6.57 -7.58 8.37
C GLU A 58 -7.53 -8.21 7.37
N ALA A 59 -7.75 -9.53 7.49
CA ALA A 59 -8.67 -10.17 6.56
C ALA A 59 -10.08 -9.63 6.75
N ASN A 60 -10.52 -9.43 8.00
CA ASN A 60 -11.85 -8.90 8.20
C ASN A 60 -12.02 -7.53 7.56
N LEU A 61 -11.00 -6.69 7.64
CA LEU A 61 -11.11 -5.39 7.00
C LEU A 61 -11.16 -5.53 5.48
N MET A 62 -10.41 -6.47 4.89
CA MET A 62 -10.45 -6.64 3.45
C MET A 62 -11.81 -7.07 2.95
N LYS A 63 -12.60 -7.76 3.78
CA LYS A 63 -13.94 -8.15 3.34
C LYS A 63 -14.78 -6.91 3.04
N GLN A 64 -14.46 -5.80 3.71
CA GLN A 64 -15.19 -4.56 3.54
C GLN A 64 -14.65 -3.65 2.44
N LEU A 65 -13.51 -4.00 1.87
CA LEU A 65 -12.91 -3.16 0.86
C LEU A 65 -12.62 -3.93 -0.41
N GLN A 66 -13.70 -4.29 -1.12
CA GLN A 66 -13.54 -5.03 -2.35
C GLN A 66 -13.62 -4.09 -3.53
N HIS A 67 -12.56 -4.04 -4.33
CA HIS A 67 -12.56 -3.17 -5.50
C HIS A 67 -11.50 -3.69 -6.47
N GLN A 68 -11.63 -3.47 -7.77
CA GLN A 68 -10.61 -3.95 -8.70
C GLN A 68 -9.22 -3.43 -8.40
N ARG A 69 -9.11 -2.22 -7.84
CA ARG A 69 -7.80 -1.61 -7.60
C ARG A 69 -7.20 -1.98 -6.25
N LEU A 70 -7.85 -2.86 -5.50
CA LEU A 70 -7.32 -3.33 -4.23
C LEU A 70 -7.13 -4.83 -4.25
N VAL A 71 -6.00 -5.30 -3.73
CA VAL A 71 -5.77 -6.75 -3.65
C VAL A 71 -6.95 -7.40 -2.94
N ARG A 72 -7.56 -8.38 -3.62
CA ARG A 72 -8.74 -9.05 -3.11
C ARG A 72 -8.50 -10.20 -2.15
N LEU A 73 -9.26 -10.25 -1.05
CA LEU A 73 -9.17 -11.39 -0.15
C LEU A 73 -9.78 -12.59 -0.85
N TYR A 74 -9.02 -13.68 -0.94
CA TYR A 74 -9.51 -14.86 -1.63
C TYR A 74 -10.16 -15.83 -0.65
N ALA A 75 -9.48 -16.09 0.47
CA ALA A 75 -9.99 -17.00 1.47
C ALA A 75 -9.20 -16.92 2.77
N VAL A 76 -9.66 -17.67 3.77
N VAL A 76 -9.63 -17.70 3.74
CA VAL A 76 -8.98 -17.73 5.05
CA VAL A 76 -8.98 -17.74 5.04
C VAL A 76 -9.13 -19.13 5.66
C VAL A 76 -9.15 -19.12 5.68
N VAL A 77 -8.10 -19.51 6.39
CA VAL A 77 -8.10 -20.76 7.15
C VAL A 77 -7.81 -20.30 8.58
N THR A 78 -8.86 -20.27 9.41
CA THR A 78 -8.76 -19.79 10.77
C THR A 78 -8.13 -20.74 11.77
N GLN A 79 -7.97 -22.01 11.41
CA GLN A 79 -7.27 -22.95 12.28
C GLN A 79 -5.76 -22.74 12.14
N GLU A 80 -5.05 -22.92 13.23
CA GLU A 80 -3.60 -22.73 13.22
C GLU A 80 -2.86 -23.84 12.49
N PRO A 81 -1.85 -23.52 11.67
CA PRO A 81 -1.43 -22.15 11.40
C PRO A 81 -2.45 -21.37 10.60
N ILE A 82 -2.76 -20.15 11.03
CA ILE A 82 -3.75 -19.37 10.33
C ILE A 82 -3.24 -18.89 8.97
N TYR A 83 -4.10 -18.97 7.96
CA TYR A 83 -3.74 -18.52 6.62
C TYR A 83 -4.64 -17.42 6.10
N ILE A 84 -4.06 -16.39 5.48
N ILE A 84 -4.05 -16.43 5.45
CA ILE A 84 -4.84 -15.40 4.78
CA ILE A 84 -4.84 -15.42 4.77
C ILE A 84 -4.46 -15.57 3.31
C ILE A 84 -4.47 -15.54 3.30
N ILE A 85 -5.43 -15.94 2.46
CA ILE A 85 -5.16 -16.16 1.06
C ILE A 85 -5.63 -14.97 0.23
N THR A 86 -4.80 -14.46 -0.68
CA THR A 86 -5.19 -13.31 -1.45
C THR A 86 -4.90 -13.42 -2.94
N GLU A 87 -5.41 -12.43 -3.65
CA GLU A 87 -5.24 -12.32 -5.08
C GLU A 87 -3.76 -12.28 -5.46
N TYR A 88 -3.32 -13.22 -6.30
CA TYR A 88 -1.92 -13.27 -6.67
C TYR A 88 -1.55 -12.17 -7.65
N MET A 89 -0.43 -11.51 -7.43
CA MET A 89 -0.01 -10.44 -8.32
C MET A 89 1.36 -10.81 -8.87
N GLU A 90 1.34 -11.20 -10.14
CA GLU A 90 2.51 -11.77 -10.78
C GLU A 90 3.79 -10.96 -10.71
N ASN A 91 3.76 -9.64 -10.81
CA ASN A 91 5.00 -8.89 -10.80
C ASN A 91 5.41 -8.31 -9.46
N GLY A 92 4.85 -8.84 -8.38
CA GLY A 92 5.28 -8.46 -7.05
C GLY A 92 5.08 -6.99 -6.66
N SER A 93 5.91 -6.49 -5.75
N SER A 93 5.92 -6.52 -5.77
CA SER A 93 5.74 -5.13 -5.31
CA SER A 93 5.83 -5.15 -5.28
C SER A 93 6.25 -4.13 -6.33
C SER A 93 6.29 -4.11 -6.29
N LEU A 94 5.61 -2.97 -6.36
CA LEU A 94 5.98 -1.93 -7.30
C LEU A 94 7.42 -1.47 -7.08
N VAL A 95 7.83 -1.30 -5.83
CA VAL A 95 9.19 -0.82 -5.59
C VAL A 95 10.20 -1.83 -6.13
N ASP A 96 9.87 -3.13 -6.16
CA ASP A 96 10.78 -4.12 -6.73
C ASP A 96 10.65 -4.18 -8.25
N PHE A 97 9.41 -4.17 -8.73
CA PHE A 97 9.18 -4.23 -10.17
C PHE A 97 9.83 -3.11 -10.97
N LEU A 98 9.82 -1.88 -10.45
N LEU A 98 9.82 -1.90 -10.41
CA LEU A 98 10.42 -0.78 -11.19
CA LEU A 98 10.41 -0.76 -11.09
C LEU A 98 11.93 -0.92 -11.33
C LEU A 98 11.91 -0.90 -11.30
N LYS A 99 12.55 -1.84 -10.61
CA LYS A 99 13.99 -2.04 -10.75
C LYS A 99 14.33 -3.17 -11.71
N THR A 100 13.34 -3.92 -12.19
CA THR A 100 13.62 -5.01 -13.09
C THR A 100 13.87 -4.47 -14.49
N PRO A 101 14.43 -5.24 -15.42
CA PRO A 101 14.62 -4.81 -16.79
C PRO A 101 13.32 -4.29 -17.36
N SER A 102 12.20 -4.95 -17.12
CA SER A 102 10.93 -4.46 -17.63
C SER A 102 10.52 -3.15 -16.97
N GLY A 103 10.66 -3.05 -15.66
CA GLY A 103 10.27 -1.82 -14.98
C GLY A 103 11.12 -0.66 -15.45
N ILE A 104 12.42 -0.88 -15.59
CA ILE A 104 13.29 0.19 -16.04
C ILE A 104 12.93 0.74 -17.41
N LYS A 105 12.46 -0.07 -18.35
CA LYS A 105 12.11 0.44 -19.67
C LYS A 105 10.79 1.20 -19.72
N LEU A 106 10.02 1.24 -18.63
CA LEU A 106 8.75 1.93 -18.69
C LEU A 106 8.84 3.41 -19.02
N THR A 107 7.94 3.90 -19.87
CA THR A 107 7.89 5.31 -20.24
C THR A 107 7.29 6.14 -19.12
N ILE A 108 7.51 7.45 -19.12
CA ILE A 108 6.89 8.27 -18.08
C ILE A 108 5.38 8.15 -18.23
N ASN A 109 4.93 7.93 -19.46
CA ASN A 109 3.50 7.75 -19.69
C ASN A 109 2.94 6.57 -18.91
N LYS A 110 3.60 5.40 -18.94
CA LYS A 110 3.09 4.26 -18.20
C LYS A 110 3.24 4.46 -16.69
N LEU A 111 4.29 5.19 -16.27
CA LEU A 111 4.44 5.47 -14.86
C LEU A 111 3.31 6.35 -14.38
N LEU A 112 2.89 7.33 -15.19
CA LEU A 112 1.79 8.19 -14.80
C LEU A 112 0.50 7.40 -14.74
N ASP A 113 0.35 6.47 -15.69
CA ASP A 113 -0.78 5.57 -15.70
C ASP A 113 -0.83 4.80 -14.39
N MET A 114 0.27 4.13 -14.03
CA MET A 114 0.29 3.41 -12.77
C MET A 114 -0.01 4.31 -11.58
N ALA A 115 0.53 5.52 -11.56
CA ALA A 115 0.23 6.42 -10.44
C ALA A 115 -1.27 6.70 -10.34
N ALA A 116 -1.93 6.92 -11.48
CA ALA A 116 -3.36 7.16 -11.51
C ALA A 116 -4.13 5.94 -11.00
N GLN A 117 -3.69 4.73 -11.35
CA GLN A 117 -4.34 3.52 -10.88
C GLN A 117 -4.30 3.44 -9.36
N ILE A 118 -3.14 3.78 -8.78
CA ILE A 118 -3.00 3.78 -7.33
C ILE A 118 -3.94 4.81 -6.72
N ALA A 119 -3.97 6.03 -7.27
CA ALA A 119 -4.87 7.06 -6.78
C ALA A 119 -6.32 6.60 -6.88
N GLU A 120 -6.65 5.84 -7.91
CA GLU A 120 -8.00 5.35 -8.09
C GLU A 120 -8.35 4.37 -6.97
N GLY A 121 -7.41 3.51 -6.61
CA GLY A 121 -7.66 2.59 -5.51
C GLY A 121 -7.80 3.37 -4.22
N MET A 122 -6.92 4.36 -4.01
CA MET A 122 -7.02 5.14 -2.79
C MET A 122 -8.30 5.97 -2.74
N ALA A 123 -8.86 6.34 -3.89
CA ALA A 123 -10.10 7.11 -3.90
C ALA A 123 -11.26 6.27 -3.40
N PHE A 124 -11.18 4.96 -3.68
CA PHE A 124 -12.19 4.03 -3.17
C PHE A 124 -12.09 3.95 -1.66
N ILE A 125 -10.86 3.74 -1.17
CA ILE A 125 -10.64 3.69 0.26
C ILE A 125 -11.15 4.96 0.92
N GLU A 126 -10.87 6.10 0.28
CA GLU A 126 -11.32 7.39 0.78
C GLU A 126 -12.85 7.46 0.86
N GLU A 127 -13.50 7.06 -0.23
N GLU A 127 -13.52 7.06 -0.22
CA GLU A 127 -14.95 7.08 -0.28
CA GLU A 127 -14.97 7.12 -0.25
C GLU A 127 -15.59 6.18 0.78
C GLU A 127 -15.60 6.17 0.76
N ARG A 128 -14.94 5.06 1.10
CA ARG A 128 -15.50 4.15 2.07
C ARG A 128 -15.18 4.51 3.51
N ASN A 129 -14.59 5.69 3.75
CA ASN A 129 -14.22 6.10 5.11
C ASN A 129 -13.14 5.28 5.78
N TYR A 130 -12.20 4.75 4.98
CA TYR A 130 -11.07 4.04 5.55
C TYR A 130 -9.81 4.86 5.31
N ILE A 131 -8.76 4.51 6.05
CA ILE A 131 -7.44 5.08 5.79
C ILE A 131 -6.52 3.86 5.73
N HIS A 132 -5.36 4.01 5.08
CA HIS A 132 -4.44 2.88 4.92
C HIS A 132 -3.27 2.95 5.90
N ARG A 133 -2.67 4.14 5.97
CA ARG A 133 -1.56 4.43 6.86
C ARG A 133 -0.21 3.81 6.53
N ASP A 134 -0.11 3.00 5.47
CA ASP A 134 1.16 2.40 5.13
C ASP A 134 1.32 2.47 3.61
N LEU A 135 0.87 3.58 3.03
CA LEU A 135 0.92 3.77 1.59
C LEU A 135 2.32 4.13 1.12
N ARG A 136 2.89 3.25 0.32
CA ARG A 136 4.24 3.41 -0.18
C ARG A 136 4.42 2.41 -1.31
N ALA A 137 5.44 2.54 -2.16
CA ALA A 137 5.57 1.63 -3.29
C ALA A 137 5.76 0.18 -2.90
N ALA A 138 6.30 -0.11 -1.72
CA ALA A 138 6.43 -1.49 -1.30
C ALA A 138 5.08 -2.15 -1.08
N ASN A 139 4.04 -1.35 -0.82
CA ASN A 139 2.71 -1.90 -0.59
C ASN A 139 1.74 -1.74 -1.75
N ILE A 140 2.30 -1.58 -2.94
CA ILE A 140 1.50 -1.58 -4.15
C ILE A 140 1.94 -2.85 -4.86
N LEU A 141 1.02 -3.69 -5.35
CA LEU A 141 1.46 -4.86 -6.10
C LEU A 141 1.14 -4.70 -7.58
N VAL A 142 1.93 -5.37 -8.43
CA VAL A 142 1.78 -5.21 -9.86
C VAL A 142 1.36 -6.54 -10.51
N SER A 143 0.34 -6.51 -11.36
CA SER A 143 -0.13 -7.73 -11.99
C SER A 143 0.65 -8.08 -13.23
N ASP A 144 0.32 -9.23 -13.81
CA ASP A 144 0.96 -9.64 -15.04
C ASP A 144 0.67 -8.70 -16.20
N THR A 145 -0.43 -7.92 -16.18
CA THR A 145 -0.71 -6.99 -17.26
C THR A 145 -0.29 -5.56 -16.89
N LEU A 146 0.55 -5.46 -15.87
CA LEU A 146 1.09 -4.19 -15.40
C LEU A 146 0.03 -3.22 -14.89
N SER A 147 -0.97 -3.77 -14.23
CA SER A 147 -1.93 -2.93 -13.53
C SER A 147 -1.53 -2.95 -12.06
N CYS A 148 -1.90 -1.93 -11.30
CA CYS A 148 -1.47 -1.83 -9.91
C CYS A 148 -2.62 -1.95 -8.94
N LYS A 149 -2.37 -2.56 -7.78
CA LYS A 149 -3.40 -2.67 -6.75
C LYS A 149 -2.84 -2.34 -5.37
N ILE A 150 -3.68 -1.73 -4.53
CA ILE A 150 -3.27 -1.41 -3.17
C ILE A 150 -3.19 -2.70 -2.36
N ALA A 151 -2.18 -2.84 -1.51
CA ALA A 151 -2.03 -4.06 -0.74
C ALA A 151 -1.61 -3.74 0.70
N ASP A 152 -1.50 -4.81 1.50
CA ASP A 152 -1.08 -4.72 2.89
C ASP A 152 -1.93 -3.77 3.74
N PHE A 153 -3.08 -4.29 4.17
CA PHE A 153 -4.02 -3.51 4.95
C PHE A 153 -3.87 -3.71 6.45
N GLY A 154 -2.69 -4.13 6.89
CA GLY A 154 -2.47 -4.38 8.31
C GLY A 154 -2.69 -3.15 9.18
N LEU A 155 -2.35 -1.95 8.68
CA LEU A 155 -2.55 -0.75 9.49
C LEU A 155 -3.80 0.01 9.11
N ALA A 156 -4.54 -0.51 8.12
CA ALA A 156 -5.73 0.18 7.66
C ALA A 156 -6.80 0.22 8.74
N ARG A 157 -7.59 1.30 8.76
CA ARG A 157 -8.61 1.46 9.79
C ARG A 157 -9.87 2.12 9.28
N LEU A 158 -11.00 1.72 9.85
CA LEU A 158 -12.26 2.38 9.56
C LEU A 158 -12.30 3.69 10.36
N ILE A 159 -12.61 4.80 9.73
CA ILE A 159 -12.68 6.06 10.45
C ILE A 159 -14.11 6.40 10.84
N GLU A 160 -14.45 6.38 12.14
CA GLU A 160 -15.82 6.71 12.52
C GLU A 160 -16.01 8.22 12.43
N ASP A 161 -15.07 8.94 13.05
CA ASP A 161 -15.05 10.38 12.92
C ASP A 161 -13.84 10.66 12.04
N ASN A 162 -13.59 11.90 11.63
CA ASN A 162 -12.48 12.15 10.72
C ASN A 162 -11.10 11.60 11.10
N GLU A 163 -10.81 11.21 12.34
CA GLU A 163 -9.43 10.88 12.64
C GLU A 163 -9.15 9.67 13.53
N PTR A 164 -8.04 8.98 13.25
CA PTR A 164 -7.63 7.85 14.05
C PTR A 164 -6.33 8.17 14.79
O PTR A 164 -5.36 8.62 14.18
CB PTR A 164 -7.43 6.64 13.14
CG PTR A 164 -6.78 5.47 13.85
CD1 PTR A 164 -7.56 4.47 14.40
CD2 PTR A 164 -5.41 5.43 13.94
CE1 PTR A 164 -6.95 3.42 15.06
CE2 PTR A 164 -4.80 4.37 14.59
CZ PTR A 164 -5.58 3.38 15.13
OH PTR A 164 -4.94 2.29 15.80
P PTR A 164 -4.76 1.20 16.97
O1P PTR A 164 -5.62 1.81 18.02
O2P PTR A 164 -5.20 0.09 16.09
O3P PTR A 164 -3.38 1.72 17.10
N THR A 165 -6.27 8.00 16.11
CA THR A 165 -5.05 8.35 16.83
C THR A 165 -4.28 7.13 17.30
N ALA A 166 -3.04 6.95 16.83
CA ALA A 166 -2.25 5.79 17.23
C ALA A 166 -1.77 5.86 18.67
N ARG A 167 -1.22 4.75 19.17
CA ARG A 167 -0.71 4.77 20.53
C ARG A 167 0.51 5.67 20.62
N GLU A 168 0.79 6.28 21.77
CA GLU A 168 1.96 7.14 21.81
C GLU A 168 3.22 6.35 21.53
N GLY A 169 3.24 5.07 21.92
CA GLY A 169 4.41 4.26 21.66
C GLY A 169 4.54 3.88 20.19
N ALA A 170 3.51 4.12 19.38
CA ALA A 170 3.58 3.76 17.97
C ALA A 170 4.60 4.56 17.18
N LYS A 171 5.35 3.91 16.30
CA LYS A 171 6.32 4.62 15.48
C LYS A 171 6.10 4.29 14.01
N PHE A 172 6.25 5.27 13.12
CA PHE A 172 6.00 5.02 11.71
C PHE A 172 7.16 5.50 10.85
N PRO A 173 7.30 5.03 9.61
CA PRO A 173 8.37 5.42 8.70
C PRO A 173 8.36 6.92 8.49
N ILE A 174 9.38 7.61 9.03
CA ILE A 174 9.39 9.06 8.95
C ILE A 174 9.31 9.63 7.54
N LYS A 175 10.01 9.04 6.58
CA LYS A 175 10.01 9.63 5.25
C LYS A 175 8.70 9.53 4.49
N TRP A 176 7.85 8.57 4.85
CA TRP A 176 6.58 8.40 4.16
C TRP A 176 5.38 8.95 4.93
N THR A 177 5.57 9.19 6.23
CA THR A 177 4.44 9.59 7.07
C THR A 177 4.23 11.08 7.19
N ALA A 178 2.97 11.50 7.15
CA ALA A 178 2.64 12.91 7.26
C ALA A 178 3.05 13.48 8.61
N PRO A 179 3.47 14.75 8.67
CA PRO A 179 3.91 15.41 9.89
C PRO A 179 2.93 15.29 11.04
N GLU A 180 1.64 15.54 10.82
CA GLU A 180 0.71 15.46 11.94
C GLU A 180 0.62 14.05 12.49
N ALA A 181 0.84 13.03 11.65
CA ALA A 181 0.83 11.68 12.17
C ALA A 181 2.13 11.41 12.92
N ILE A 182 3.26 11.91 12.43
CA ILE A 182 4.51 11.74 13.16
C ILE A 182 4.48 12.47 14.49
N ASN A 183 3.99 13.71 14.48
CA ASN A 183 4.01 14.53 15.68
C ASN A 183 2.91 14.26 16.70
N TYR A 184 1.69 13.98 16.23
CA TYR A 184 0.57 13.81 17.13
C TYR A 184 -0.02 12.41 17.11
N GLY A 185 0.42 11.56 16.18
CA GLY A 185 -0.17 10.25 16.07
C GLY A 185 -1.53 10.34 15.41
N THR A 186 -1.91 11.50 14.87
CA THR A 186 -3.22 11.62 14.25
C THR A 186 -3.16 11.34 12.75
N PHE A 187 -3.97 10.38 12.32
CA PHE A 187 -4.03 9.97 10.93
C PHE A 187 -5.40 10.23 10.30
N THR A 188 -5.42 10.75 9.08
CA THR A 188 -6.69 10.91 8.37
C THR A 188 -6.41 10.54 6.92
N ILE A 189 -7.40 10.53 6.03
CA ILE A 189 -7.11 10.21 4.64
C ILE A 189 -6.12 11.23 4.08
N LYS A 190 -6.06 12.43 4.67
CA LYS A 190 -5.13 13.44 4.21
C LYS A 190 -3.69 13.06 4.55
N SER A 191 -3.50 12.21 5.55
N SER A 191 -3.49 12.19 5.54
CA SER A 191 -2.17 11.71 5.88
CA SER A 191 -2.15 11.74 5.85
C SER A 191 -1.75 10.74 4.78
C SER A 191 -1.75 10.75 4.75
N ASP A 192 -2.70 9.97 4.26
CA ASP A 192 -2.39 9.05 3.17
C ASP A 192 -2.06 9.85 1.93
N VAL A 193 -2.72 10.98 1.72
CA VAL A 193 -2.43 11.83 0.57
C VAL A 193 -0.98 12.30 0.64
N TRP A 194 -0.47 12.69 1.82
CA TRP A 194 0.92 13.05 1.94
C TRP A 194 1.80 11.87 1.52
N SER A 195 1.50 10.68 2.04
N SER A 195 1.50 10.69 2.04
CA SER A 195 2.26 9.48 1.70
CA SER A 195 2.26 9.50 1.72
C SER A 195 2.23 9.23 0.21
C SER A 195 2.22 9.21 0.22
N PHE A 196 1.08 9.47 -0.41
CA PHE A 196 0.98 9.27 -1.85
C PHE A 196 1.95 10.18 -2.59
N GLY A 197 2.12 11.41 -2.10
CA GLY A 197 3.07 12.31 -2.73
C GLY A 197 4.48 11.71 -2.67
N ILE A 198 4.85 11.12 -1.53
CA ILE A 198 6.14 10.45 -1.41
C ILE A 198 6.18 9.25 -2.34
N LEU A 199 5.10 8.47 -2.42
CA LEU A 199 5.07 7.32 -3.31
C LEU A 199 5.31 7.78 -4.74
N LEU A 200 4.78 8.94 -5.15
CA LEU A 200 5.04 9.41 -6.49
C LEU A 200 6.54 9.58 -6.74
N THR A 201 7.33 9.99 -5.74
CA THR A 201 8.76 10.12 -5.97
C THR A 201 9.37 8.74 -6.16
N GLU A 202 8.85 7.70 -5.49
CA GLU A 202 9.39 6.36 -5.69
C GLU A 202 9.10 5.90 -7.11
N ILE A 203 7.94 6.27 -7.66
CA ILE A 203 7.63 5.89 -9.01
C ILE A 203 8.57 6.53 -10.02
N VAL A 204 8.74 7.85 -9.95
CA VAL A 204 9.54 8.51 -10.97
C VAL A 204 11.03 8.21 -10.83
N THR A 205 11.49 7.76 -9.67
CA THR A 205 12.89 7.41 -9.52
C THR A 205 13.12 5.91 -9.57
N HIS A 206 12.14 5.15 -10.07
CA HIS A 206 12.26 3.69 -10.12
C HIS A 206 12.68 3.04 -8.81
N GLY A 207 12.04 3.46 -7.73
CA GLY A 207 12.23 2.83 -6.44
C GLY A 207 13.27 3.44 -5.52
N ARG A 208 13.83 4.60 -5.81
N ARG A 208 13.86 4.59 -5.79
CA ARG A 208 14.83 5.19 -4.93
CA ARG A 208 14.86 5.09 -4.86
C ARG A 208 14.23 5.57 -3.58
C ARG A 208 14.22 5.53 -3.56
N ILE A 209 15.03 5.56 -2.50
CA ILE A 209 14.53 5.98 -1.21
C ILE A 209 14.29 7.47 -1.20
N PRO A 210 13.16 7.96 -0.67
N PRO A 210 13.17 7.95 -0.66
CA PRO A 210 12.85 9.38 -0.63
CA PRO A 210 12.83 9.36 -0.59
C PRO A 210 13.85 10.20 0.16
C PRO A 210 13.87 10.19 0.15
N TYR A 211 13.93 11.48 -0.16
CA TYR A 211 14.88 12.37 0.52
C TYR A 211 16.31 11.85 0.47
N PRO A 212 16.83 11.72 -0.75
CA PRO A 212 18.18 11.25 -1.00
C PRO A 212 19.24 11.92 -0.14
N GLY A 213 20.09 11.12 0.49
CA GLY A 213 21.20 11.66 1.27
C GLY A 213 20.79 12.31 2.58
N MET A 214 19.57 12.11 3.06
CA MET A 214 19.17 12.74 4.29
C MET A 214 18.75 11.74 5.35
N THR A 215 19.10 12.03 6.61
CA THR A 215 18.68 11.20 7.71
C THR A 215 17.28 11.63 8.13
N ASN A 216 16.59 10.86 8.95
CA ASN A 216 15.27 11.29 9.39
C ASN A 216 15.30 12.63 10.15
N PRO A 217 16.24 12.91 11.06
CA PRO A 217 16.34 14.21 11.71
C PRO A 217 16.46 15.33 10.69
N GLU A 218 17.23 15.11 9.63
CA GLU A 218 17.37 16.12 8.60
C GLU A 218 16.06 16.31 7.84
N VAL A 219 15.30 15.23 7.58
CA VAL A 219 14.01 15.37 6.91
C VAL A 219 13.08 16.19 7.80
N ILE A 220 12.98 15.82 9.08
N ILE A 220 13.00 15.82 9.08
CA ILE A 220 12.14 16.56 10.00
CA ILE A 220 12.17 16.54 10.03
C ILE A 220 12.54 18.02 10.09
C ILE A 220 12.54 18.01 10.08
N GLN A 221 13.83 18.30 10.19
CA GLN A 221 14.28 19.68 10.26
C GLN A 221 13.90 20.43 9.00
N ASN A 222 14.10 19.85 7.82
CA ASN A 222 13.77 20.56 6.60
C ASN A 222 12.28 20.82 6.45
N LEU A 223 11.46 19.83 6.77
CA LEU A 223 10.02 20.03 6.65
C LEU A 223 9.55 21.18 7.53
N GLU A 224 10.10 21.28 8.74
CA GLU A 224 9.66 22.33 9.63
C GLU A 224 10.12 23.71 9.17
N ARG A 225 11.12 23.79 8.28
CA ARG A 225 11.53 25.09 7.75
C ARG A 225 10.65 25.48 6.58
N GLY A 226 9.76 24.58 6.14
CA GLY A 226 8.94 24.87 4.99
C GLY A 226 9.50 24.20 3.73
N TYR A 227 10.65 23.55 3.82
CA TYR A 227 11.19 22.87 2.65
C TYR A 227 10.42 21.59 2.37
N ARG A 228 10.48 21.09 1.14
CA ARG A 228 9.91 19.79 0.84
C ARG A 228 10.98 19.02 0.09
N MET A 229 10.70 17.79 -0.33
CA MET A 229 11.73 17.02 -1.01
C MET A 229 12.23 17.71 -2.26
N VAL A 230 13.55 17.67 -2.45
CA VAL A 230 14.17 18.24 -3.63
C VAL A 230 13.62 17.57 -4.87
N ARG A 231 13.46 18.32 -5.97
CA ARG A 231 13.01 17.73 -7.23
C ARG A 231 13.82 16.49 -7.58
N PRO A 232 13.19 15.32 -7.72
CA PRO A 232 13.85 14.10 -8.16
C PRO A 232 14.44 14.28 -9.54
N ASP A 233 15.50 13.54 -9.85
CA ASP A 233 16.08 13.63 -11.18
C ASP A 233 15.05 13.26 -12.23
N ASN A 234 15.03 14.01 -13.33
CA ASN A 234 14.11 13.74 -14.42
C ASN A 234 12.64 13.69 -14.04
N CYS A 235 12.25 14.42 -13.00
CA CYS A 235 10.85 14.46 -12.63
C CYS A 235 10.15 15.56 -13.42
N PRO A 236 9.09 15.28 -14.16
CA PRO A 236 8.27 16.28 -14.84
C PRO A 236 7.82 17.34 -13.84
N GLU A 237 7.94 18.62 -14.16
CA GLU A 237 7.55 19.61 -13.17
C GLU A 237 6.07 19.52 -12.85
N GLU A 238 5.22 19.14 -13.80
N GLU A 238 5.23 19.14 -13.80
CA GLU A 238 3.81 18.99 -13.50
CA GLU A 238 3.81 18.99 -13.52
C GLU A 238 3.61 17.96 -12.41
C GLU A 238 3.60 17.95 -12.42
N LEU A 239 4.35 16.85 -12.47
CA LEU A 239 4.20 15.84 -11.44
C LEU A 239 4.80 16.36 -10.14
N TYR A 240 5.90 17.11 -10.20
CA TYR A 240 6.48 17.63 -8.98
C TYR A 240 5.51 18.59 -8.29
N GLN A 241 4.81 19.46 -9.04
CA GLN A 241 3.85 20.33 -8.39
C GLN A 241 2.66 19.56 -7.83
N LEU A 242 2.28 18.41 -8.42
CA LEU A 242 1.21 17.63 -7.85
C LEU A 242 1.69 17.03 -6.52
N MET A 243 2.95 16.59 -6.43
CA MET A 243 3.50 16.11 -5.17
C MET A 243 3.43 17.23 -4.12
N ARG A 244 3.76 18.45 -4.52
CA ARG A 244 3.72 19.56 -3.57
C ARG A 244 2.32 19.76 -3.01
N LEU A 245 1.26 19.59 -3.81
CA LEU A 245 -0.08 19.73 -3.26
C LEU A 245 -0.28 18.70 -2.16
N CYS A 246 0.22 17.48 -2.39
CA CYS A 246 0.11 16.42 -1.41
C CYS A 246 0.84 16.73 -0.12
N TRP A 247 1.84 17.61 -0.20
CA TRP A 247 2.64 17.93 0.96
C TRP A 247 2.30 19.29 1.57
N LYS A 248 1.08 19.79 1.34
CA LYS A 248 0.72 21.04 1.97
C LYS A 248 0.71 20.91 3.49
N GLU A 249 1.04 22.01 4.15
CA GLU A 249 1.14 22.01 5.60
C GLU A 249 -0.13 21.57 6.31
N ARG A 250 -1.24 22.24 6.02
CA ARG A 250 -2.50 21.86 6.65
C ARG A 250 -3.12 20.69 5.91
N PRO A 251 -3.43 19.58 6.58
CA PRO A 251 -4.05 18.42 5.97
C PRO A 251 -5.26 18.77 5.12
N GLU A 252 -6.12 19.66 5.62
CA GLU A 252 -7.33 20.00 4.88
C GLU A 252 -7.06 20.70 3.56
N ASP A 253 -5.86 21.26 3.37
CA ASP A 253 -5.55 21.90 2.11
C ASP A 253 -5.05 20.90 1.07
N ARG A 254 -4.73 19.68 1.50
CA ARG A 254 -4.26 18.67 0.57
C ARG A 254 -5.43 18.15 -0.26
N PRO A 255 -5.19 17.76 -1.51
CA PRO A 255 -6.23 17.34 -2.44
C PRO A 255 -6.87 16.01 -2.08
N THR A 256 -8.03 15.72 -2.67
CA THR A 256 -8.65 14.42 -2.44
C THR A 256 -8.01 13.42 -3.38
N PHE A 257 -8.11 12.12 -3.10
CA PHE A 257 -7.58 11.14 -4.03
C PHE A 257 -8.37 11.13 -5.34
N ASP A 258 -9.66 11.48 -5.31
CA ASP A 258 -10.38 11.50 -6.57
C ASP A 258 -9.80 12.61 -7.46
N TYR A 259 -9.45 13.74 -6.85
CA TYR A 259 -8.81 14.81 -7.58
C TYR A 259 -7.47 14.35 -8.15
N LEU A 260 -6.64 13.72 -7.32
CA LEU A 260 -5.36 13.24 -7.79
C LEU A 260 -5.51 12.23 -8.92
N ARG A 261 -6.50 11.35 -8.83
CA ARG A 261 -6.71 10.38 -9.89
C ARG A 261 -7.04 11.09 -11.18
N SER A 262 -7.95 12.05 -11.13
N SER A 262 -7.95 12.07 -11.14
CA SER A 262 -8.35 12.75 -12.34
CA SER A 262 -8.35 12.75 -12.36
C SER A 262 -7.20 13.51 -12.98
C SER A 262 -7.17 13.48 -12.99
N VAL A 263 -6.38 14.18 -12.17
CA VAL A 263 -5.25 14.90 -12.70
C VAL A 263 -4.24 13.96 -13.34
N LEU A 264 -3.90 12.87 -12.64
CA LEU A 264 -2.95 11.91 -13.20
C LEU A 264 -3.46 11.25 -14.48
N GLU A 265 -4.77 10.99 -14.60
CA GLU A 265 -5.25 10.46 -15.86
C GLU A 265 -5.06 11.50 -16.96
N ASP A 266 -5.30 12.77 -16.66
CA ASP A 266 -5.08 13.80 -17.66
C ASP A 266 -3.61 13.88 -18.05
N PHE A 267 -2.70 13.73 -17.08
CA PHE A 267 -1.27 13.75 -17.37
C PHE A 267 -0.91 12.61 -18.32
N PHE A 268 -1.51 11.46 -18.04
CA PHE A 268 -1.30 10.25 -18.82
C PHE A 268 -1.86 10.37 -20.22
N THR A 269 -3.10 10.87 -20.36
CA THR A 269 -3.67 10.96 -21.69
C THR A 269 -2.99 12.06 -22.46
N ALA A 270 -2.28 12.95 -21.76
CA ALA A 270 -1.53 13.98 -22.46
C ALA A 270 -0.20 13.42 -22.95
N THR A 271 0.57 12.77 -22.07
CA THR A 271 1.86 12.23 -22.48
C THR A 271 1.69 11.04 -23.41
S SO4 B . -7.45 -5.25 -13.08
O1 SO4 B . -7.88 -6.33 -12.25
O2 SO4 B . -8.37 -4.16 -12.96
O3 SO4 B . -6.13 -4.81 -12.71
O4 SO4 B . -7.41 -5.68 -14.44
#